data_1YBY
#
_entry.id   1YBY
#
_cell.length_a   114.915
_cell.length_b   55.476
_cell.length_c   88.462
_cell.angle_alpha   90.00
_cell.angle_beta   120.84
_cell.angle_gamma   90.00
#
_symmetry.space_group_name_H-M   'C 1 2 1'
#
loop_
_entity.id
_entity.type
_entity.pdbx_description
1 polymer 'Translation elongation factor P'
2 non-polymer 'UNKNOWN ATOM OR ION'
3 water water
#
_entity_poly.entity_id   1
_entity_poly.type   'polypeptide(L)'
_entity_poly.pdbx_seq_one_letter_code
;(MSE)GSSHHHHHHSSGLVPRGSQSTSLYKKAGL(MSE)ISAGDFKNGVTFELDGQIFQVIEFQHVKPGKGAAFVRTKLK
NIVTGATIEKTFNPTDK(MSE)PKAHIERKD(MSE)QYLYNDGDLYYF(MSE)DTETFEQLPLGKDKIGDALKFVKENEI
VKVLSHKGNVFGIEPPNFVELEVTDTEPGFKGDTATGATKPAIVETGASIKVPLFVNKGDIIRIDTRTGEY(MSE)ERV
;
_entity_poly.pdbx_strand_id   A,B
#
# COMPACT_ATOMS: atom_id res chain seq x y z
N ILE A 32 -22.16 -18.29 -11.88
CA ILE A 32 -22.67 -17.44 -10.78
C ILE A 32 -24.17 -17.18 -10.99
N SER A 33 -24.97 -17.32 -9.92
CA SER A 33 -26.43 -17.00 -9.97
C SER A 33 -26.63 -15.53 -9.68
N ALA A 34 -27.52 -14.89 -10.44
CA ALA A 34 -27.78 -13.45 -10.22
C ALA A 34 -28.23 -13.15 -8.78
N GLY A 35 -28.92 -14.09 -8.14
CA GLY A 35 -29.36 -13.92 -6.75
C GLY A 35 -28.19 -13.88 -5.77
N ASP A 36 -27.04 -14.39 -6.20
CA ASP A 36 -25.82 -14.33 -5.40
C ASP A 36 -24.90 -13.14 -5.76
N PHE A 37 -25.34 -12.26 -6.67
CA PHE A 37 -24.51 -11.11 -7.03
C PHE A 37 -24.24 -10.23 -5.81
N LYS A 38 -23.03 -9.72 -5.75
CA LYS A 38 -22.64 -8.70 -4.78
C LYS A 38 -21.56 -7.82 -5.44
N ASN A 39 -21.17 -6.73 -4.79
CA ASN A 39 -20.30 -5.77 -5.45
C ASN A 39 -18.95 -6.40 -5.71
N GLY A 40 -18.41 -6.16 -6.92
CA GLY A 40 -17.11 -6.69 -7.36
C GLY A 40 -17.16 -8.05 -8.06
N VAL A 41 -18.29 -8.74 -8.01
CA VAL A 41 -18.44 -9.98 -8.78
C VAL A 41 -18.29 -9.65 -10.29
N THR A 42 -17.65 -10.53 -11.03
CA THR A 42 -17.50 -10.34 -12.48
C THR A 42 -18.01 -11.57 -13.24
N PHE A 43 -18.79 -11.32 -14.28
CA PHE A 43 -19.41 -12.41 -15.06
C PHE A 43 -19.46 -12.08 -16.55
N GLU A 44 -19.69 -13.11 -17.36
CA GLU A 44 -19.85 -12.95 -18.82
C GLU A 44 -21.35 -12.86 -19.18
N LEU A 45 -21.66 -11.95 -20.10
CA LEU A 45 -23.02 -11.77 -20.59
C LEU A 45 -22.96 -11.03 -21.95
N ASP A 46 -23.60 -11.60 -22.96
CA ASP A 46 -23.72 -10.93 -24.26
C ASP A 46 -22.35 -10.60 -24.88
N GLY A 47 -21.37 -11.48 -24.66
CA GLY A 47 -20.05 -11.32 -25.21
C GLY A 47 -19.18 -10.32 -24.48
N GLN A 48 -19.72 -9.73 -23.39
CA GLN A 48 -19.02 -8.78 -22.55
C GLN A 48 -18.62 -9.40 -21.23
N ILE A 49 -17.68 -8.73 -20.55
CA ILE A 49 -17.43 -8.97 -19.13
C ILE A 49 -17.83 -7.77 -18.28
N PHE A 50 -18.67 -8.03 -17.28
CA PHE A 50 -19.16 -7.01 -16.39
C PHE A 50 -18.71 -7.21 -14.95
N GLN A 51 -18.54 -6.09 -14.29
CA GLN A 51 -18.30 -6.04 -12.85
C GLN A 51 -19.51 -5.37 -12.19
N VAL A 52 -19.97 -5.96 -11.09
CA VAL A 52 -21.10 -5.38 -10.34
C VAL A 52 -20.62 -4.24 -9.48
N ILE A 53 -21.20 -3.07 -9.68
CA ILE A 53 -20.80 -1.90 -8.90
C ILE A 53 -21.91 -1.40 -7.97
N GLU A 54 -23.17 -1.69 -8.32
CA GLU A 54 -24.29 -1.53 -7.40
C GLU A 54 -25.31 -2.66 -7.60
N PHE A 55 -26.02 -2.99 -6.53
CA PHE A 55 -27.07 -4.01 -6.64
C PHE A 55 -28.14 -3.86 -5.54
N GLN A 56 -29.32 -4.34 -5.88
CA GLN A 56 -30.49 -4.39 -4.97
C GLN A 56 -31.18 -5.69 -5.29
N HIS A 57 -31.48 -6.49 -4.27
CA HIS A 57 -32.33 -7.66 -4.43
C HIS A 57 -33.76 -7.27 -4.06
N VAL A 58 -34.72 -7.58 -4.91
CA VAL A 58 -36.10 -7.12 -4.72
C VAL A 58 -37.11 -8.28 -4.79
N LYS A 59 -38.03 -8.26 -3.83
CA LYS A 59 -39.10 -9.22 -3.76
C LYS A 59 -40.43 -8.47 -3.66
N PRO A 60 -41.25 -8.53 -4.73
CA PRO A 60 -42.53 -7.83 -4.72
C PRO A 60 -43.67 -8.70 -4.13
N GLY A 63 -45.71 -10.79 -7.62
CA GLY A 63 -45.11 -11.34 -8.85
C GLY A 63 -43.65 -11.79 -8.75
N ALA A 64 -42.86 -11.45 -9.77
CA ALA A 64 -41.54 -12.02 -9.93
C ALA A 64 -40.44 -11.19 -9.23
N ALA A 65 -39.70 -11.84 -8.34
CA ALA A 65 -38.47 -11.28 -7.72
C ALA A 65 -37.45 -10.88 -8.79
N PHE A 66 -36.70 -9.81 -8.53
CA PHE A 66 -35.64 -9.37 -9.45
C PHE A 66 -34.41 -8.82 -8.72
N VAL A 67 -33.31 -8.75 -9.48
CA VAL A 67 -32.08 -8.13 -9.03
C VAL A 67 -31.81 -6.95 -9.95
N ARG A 68 -31.75 -5.75 -9.41
CA ARG A 68 -31.33 -4.56 -10.15
C ARG A 68 -29.83 -4.38 -9.96
N THR A 69 -29.13 -4.10 -11.06
CA THR A 69 -27.69 -3.93 -11.01
C THR A 69 -27.24 -2.69 -11.78
N LYS A 70 -26.15 -2.09 -11.30
CA LYS A 70 -25.29 -1.24 -12.15
C LYS A 70 -24.02 -2.03 -12.43
N LEU A 71 -23.69 -2.15 -13.72
CA LEU A 71 -22.57 -2.95 -14.21
C LEU A 71 -21.55 -2.10 -14.92
N LYS A 72 -20.26 -2.30 -14.61
CA LYS A 72 -19.16 -1.67 -15.37
C LYS A 72 -18.67 -2.67 -16.41
N ASN A 73 -18.69 -2.28 -17.68
CA ASN A 73 -18.14 -3.06 -18.73
C ASN A 73 -16.60 -2.94 -18.65
N ILE A 74 -15.96 -4.05 -18.27
CA ILE A 74 -14.51 -4.07 -17.98
C ILE A 74 -13.66 -3.65 -19.22
N VAL A 75 -14.09 -4.05 -20.41
CA VAL A 75 -13.35 -3.76 -21.64
C VAL A 75 -13.59 -2.31 -22.12
N THR A 76 -14.87 -1.93 -22.27
CA THR A 76 -15.21 -0.62 -22.86
C THR A 76 -15.27 0.50 -21.84
N GLY A 77 -15.50 0.15 -20.58
CA GLY A 77 -15.61 1.13 -19.53
C GLY A 77 -16.98 1.77 -19.37
N ALA A 78 -17.93 1.37 -20.21
CA ALA A 78 -19.31 1.83 -20.11
C ALA A 78 -19.91 1.33 -18.82
N THR A 79 -20.78 2.15 -18.22
CA THR A 79 -21.57 1.71 -17.07
C THR A 79 -23.06 1.66 -17.47
N ILE A 80 -23.66 0.48 -17.29
CA ILE A 80 -25.04 0.24 -17.65
C ILE A 80 -25.87 -0.30 -16.45
N GLU A 81 -27.18 -0.20 -16.60
CA GLU A 81 -28.12 -0.84 -15.68
C GLU A 81 -28.72 -2.06 -16.31
N LYS A 82 -28.80 -3.14 -15.53
CA LYS A 82 -29.46 -4.35 -15.95
C LYS A 82 -30.25 -4.98 -14.80
N THR A 83 -31.39 -5.58 -15.15
CA THR A 83 -32.25 -6.27 -14.17
C THR A 83 -32.30 -7.73 -14.51
N PHE A 84 -32.16 -8.59 -13.51
CA PHE A 84 -32.06 -10.04 -13.69
C PHE A 84 -33.06 -10.80 -12.85
N ASN A 85 -33.42 -11.98 -13.32
CA ASN A 85 -34.07 -12.99 -12.51
C ASN A 85 -33.04 -13.65 -11.58
N PRO A 86 -33.31 -13.65 -10.26
CA PRO A 86 -32.32 -14.22 -9.32
C PRO A 86 -31.88 -15.64 -9.67
N THR A 87 -32.73 -16.38 -10.37
CA THR A 87 -32.40 -17.75 -10.83
C THR A 87 -31.42 -17.80 -12.01
N ASP A 88 -31.27 -16.69 -12.75
CA ASP A 88 -30.38 -16.62 -13.92
C ASP A 88 -28.98 -17.00 -13.50
N LYS A 89 -28.29 -17.80 -14.33
CA LYS A 89 -26.89 -18.16 -14.08
C LYS A 89 -26.02 -17.69 -15.23
N PRO A 91 -21.60 -17.36 -16.62
CA PRO A 91 -20.24 -17.80 -16.33
C PRO A 91 -19.48 -16.75 -15.56
N LYS A 92 -18.70 -17.17 -14.55
CA LYS A 92 -17.78 -16.27 -13.89
C LYS A 92 -16.74 -15.84 -14.94
N ALA A 93 -16.35 -14.57 -14.88
CA ALA A 93 -15.37 -14.01 -15.82
C ALA A 93 -13.97 -14.45 -15.44
N HIS A 94 -13.13 -14.70 -16.43
CA HIS A 94 -11.67 -14.88 -16.23
C HIS A 94 -10.98 -14.04 -17.28
N ILE A 95 -10.25 -13.04 -16.85
CA ILE A 95 -9.48 -12.22 -17.78
C ILE A 95 -8.30 -13.04 -18.31
N GLU A 96 -8.03 -12.97 -19.61
CA GLU A 96 -6.86 -13.56 -20.21
C GLU A 96 -5.61 -12.65 -19.93
N ARG A 97 -4.53 -13.25 -19.41
CA ARG A 97 -3.29 -12.52 -19.06
C ARG A 97 -2.11 -13.14 -19.80
N LYS A 98 -1.47 -12.36 -20.67
CA LYS A 98 -0.40 -12.86 -21.52
C LYS A 98 0.86 -12.06 -21.25
N ASP A 99 1.95 -12.75 -20.90
CA ASP A 99 3.25 -12.11 -20.73
C ASP A 99 3.67 -11.60 -22.09
N GLN A 101 6.80 -8.72 -23.92
CA GLN A 101 7.87 -7.77 -23.72
C GLN A 101 7.46 -6.36 -24.13
N TYR A 102 7.62 -5.39 -23.25
CA TYR A 102 7.48 -3.99 -23.64
C TYR A 102 8.72 -3.55 -24.46
N LEU A 103 8.49 -3.03 -25.66
CA LEU A 103 9.60 -2.60 -26.56
C LEU A 103 9.91 -1.10 -26.43
N TYR A 104 8.96 -0.27 -26.81
CA TYR A 104 9.17 1.18 -26.81
C TYR A 104 7.85 1.88 -27.12
N ASN A 105 7.89 3.19 -26.89
CA ASN A 105 6.80 4.10 -27.15
C ASN A 105 7.19 5.00 -28.34
N ASP A 106 6.47 4.86 -29.46
CA ASP A 106 6.66 5.70 -30.65
C ASP A 106 5.48 6.66 -30.72
N GLY A 107 5.65 7.82 -30.10
CA GLY A 107 4.62 8.84 -30.01
C GLY A 107 3.41 8.44 -29.17
N ASP A 108 2.37 8.00 -29.85
CA ASP A 108 1.06 7.68 -29.26
C ASP A 108 0.80 6.18 -29.19
N LEU A 109 1.76 5.38 -29.63
CA LEU A 109 1.58 3.95 -29.63
C LEU A 109 2.67 3.35 -28.78
N TYR A 110 2.35 2.24 -28.12
CA TYR A 110 3.28 1.52 -27.24
C TYR A 110 3.37 0.13 -27.79
N TYR A 111 4.58 -0.30 -28.14
CA TYR A 111 4.77 -1.58 -28.83
C TYR A 111 5.21 -2.68 -27.85
N PHE A 112 4.53 -3.82 -27.93
CA PHE A 112 4.78 -5.01 -27.11
C PHE A 112 5.03 -6.20 -28.03
N ASP A 114 5.51 -10.66 -28.47
CA ASP A 114 5.45 -12.03 -28.06
C ASP A 114 6.88 -12.59 -28.07
N THR A 115 7.33 -13.09 -26.91
CA THR A 115 8.73 -13.50 -26.72
C THR A 115 9.09 -14.83 -27.44
N GLU A 116 8.06 -15.58 -27.85
CA GLU A 116 8.25 -16.87 -28.56
C GLU A 116 8.06 -16.73 -30.05
N THR A 117 7.06 -15.96 -30.47
CA THR A 117 6.74 -15.78 -31.90
C THR A 117 7.20 -14.46 -32.52
N PHE A 118 7.65 -13.53 -31.67
CA PHE A 118 8.09 -12.21 -32.09
C PHE A 118 7.04 -11.33 -32.77
N GLU A 119 5.79 -11.74 -32.73
CA GLU A 119 4.69 -10.93 -33.24
C GLU A 119 4.53 -9.71 -32.35
N GLN A 120 4.29 -8.55 -32.94
CA GLN A 120 4.13 -7.34 -32.15
C GLN A 120 2.68 -6.87 -32.04
N LEU A 121 2.44 -6.05 -31.01
CA LEU A 121 1.13 -5.56 -30.63
C LEU A 121 1.28 -4.07 -30.31
N PRO A 122 0.78 -3.16 -31.19
CA PRO A 122 0.78 -1.72 -30.86
C PRO A 122 -0.47 -1.27 -30.12
N LEU A 123 -0.29 -0.66 -28.95
CA LEU A 123 -1.39 -0.20 -28.13
C LEU A 123 -1.38 1.30 -27.93
N GLY A 124 -2.57 1.88 -27.87
CA GLY A 124 -2.71 3.30 -27.61
C GLY A 124 -2.64 3.62 -26.15
N LYS A 125 -2.32 4.88 -25.87
CA LYS A 125 -2.26 5.36 -24.49
C LYS A 125 -3.52 5.08 -23.70
N ASP A 126 -4.67 5.12 -24.39
CA ASP A 126 -5.95 4.89 -23.75
C ASP A 126 -5.94 3.59 -22.95
N LYS A 127 -5.31 2.57 -23.50
CA LYS A 127 -5.25 1.24 -22.88
C LYS A 127 -4.15 1.09 -21.81
N ILE A 128 -3.17 1.99 -21.80
CA ILE A 128 -1.97 1.87 -20.96
C ILE A 128 -2.18 2.51 -19.58
N GLY A 129 -2.80 3.67 -19.56
CA GLY A 129 -2.96 4.41 -18.32
C GLY A 129 -1.57 4.69 -17.73
N ASP A 130 -1.46 4.47 -16.42
CA ASP A 130 -0.22 4.71 -15.69
C ASP A 130 0.58 3.45 -15.48
N ALA A 131 0.26 2.40 -16.23
CA ALA A 131 0.82 1.06 -16.04
C ALA A 131 2.30 0.97 -16.26
N LEU A 132 2.82 1.81 -17.15
CA LEU A 132 4.26 1.77 -17.51
C LEU A 132 5.13 2.75 -16.72
N LYS A 133 4.56 3.37 -15.68
CA LYS A 133 5.29 4.34 -14.83
C LYS A 133 6.68 3.87 -14.39
N PHE A 134 6.78 2.61 -13.97
CA PHE A 134 8.05 2.05 -13.51
C PHE A 134 8.55 0.90 -14.42
N VAL A 135 8.13 0.89 -15.69
CA VAL A 135 8.53 -0.19 -16.61
C VAL A 135 9.50 0.33 -17.67
N LYS A 136 10.75 -0.13 -17.55
CA LYS A 136 11.80 0.18 -18.53
C LYS A 136 11.66 -0.69 -19.81
N GLU A 137 12.25 -0.20 -20.90
CA GLU A 137 12.17 -0.89 -22.19
C GLU A 137 12.73 -2.29 -22.04
N ASN A 138 12.07 -3.22 -22.70
CA ASN A 138 12.42 -4.68 -22.77
C ASN A 138 12.03 -5.53 -21.57
N GLU A 139 11.35 -4.92 -20.62
CA GLU A 139 10.81 -5.64 -19.49
C GLU A 139 9.49 -6.32 -19.84
N ILE A 140 9.22 -7.42 -19.15
CA ILE A 140 8.07 -8.24 -19.41
C ILE A 140 6.91 -7.76 -18.53
N VAL A 141 5.75 -7.55 -19.17
CA VAL A 141 4.53 -7.19 -18.47
C VAL A 141 3.42 -8.18 -18.85
N LYS A 142 2.27 -8.06 -18.19
CA LYS A 142 1.09 -8.85 -18.55
C LYS A 142 0.09 -8.00 -19.30
N VAL A 143 -0.36 -8.51 -20.43
CA VAL A 143 -1.37 -7.85 -21.21
C VAL A 143 -2.71 -8.53 -20.95
N LEU A 144 -3.71 -7.73 -20.60
CA LEU A 144 -5.06 -8.15 -20.20
C LEU A 144 -6.02 -8.03 -21.38
N SER A 145 -6.72 -9.10 -21.67
CA SER A 145 -7.63 -9.10 -22.79
C SER A 145 -8.89 -9.96 -22.54
N HIS A 146 -9.95 -9.63 -23.27
CA HIS A 146 -11.13 -10.47 -23.32
C HIS A 146 -11.63 -10.65 -24.76
N LYS A 147 -11.76 -11.93 -25.15
CA LYS A 147 -12.19 -12.35 -26.50
C LYS A 147 -11.56 -11.49 -27.54
N GLY A 148 -10.25 -11.22 -27.40
CA GLY A 148 -9.51 -10.42 -28.39
C GLY A 148 -9.26 -8.94 -28.15
N ASN A 149 -10.11 -8.26 -27.36
CA ASN A 149 -9.91 -6.84 -27.04
C ASN A 149 -8.97 -6.72 -25.83
N VAL A 150 -7.86 -6.02 -26.03
CA VAL A 150 -6.93 -5.70 -24.96
C VAL A 150 -7.45 -4.45 -24.26
N PHE A 151 -7.52 -4.50 -22.94
CA PHE A 151 -8.05 -3.36 -22.20
C PHE A 151 -7.10 -2.79 -21.15
N GLY A 152 -5.95 -3.44 -20.97
CA GLY A 152 -5.04 -3.04 -19.91
C GLY A 152 -3.73 -3.79 -19.86
N ILE A 153 -2.84 -3.27 -19.03
CA ILE A 153 -1.49 -3.78 -18.81
C ILE A 153 -1.28 -3.86 -17.31
N GLU A 154 -0.66 -4.95 -16.83
CA GLU A 154 -0.20 -5.01 -15.43
C GLU A 154 1.33 -5.09 -15.39
N PRO A 155 1.97 -4.15 -14.68
CA PRO A 155 3.41 -4.22 -14.52
C PRO A 155 3.78 -5.26 -13.49
N PRO A 156 5.06 -5.67 -13.48
CA PRO A 156 5.50 -6.54 -12.40
C PRO A 156 5.29 -5.82 -11.08
N ASN A 157 5.16 -6.58 -10.03
CA ASN A 157 4.98 -6.00 -8.67
C ASN A 157 6.18 -5.20 -8.22
N PHE A 158 7.37 -5.64 -8.66
CA PHE A 158 8.66 -5.12 -8.21
C PHE A 158 9.55 -4.93 -9.39
N VAL A 159 10.29 -3.84 -9.40
CA VAL A 159 11.22 -3.56 -10.47
C VAL A 159 12.56 -3.06 -9.93
N GLU A 160 13.58 -3.16 -10.78
CA GLU A 160 14.89 -2.56 -10.52
C GLU A 160 15.14 -1.45 -11.54
N LEU A 161 15.30 -0.22 -11.06
CA LEU A 161 15.52 0.94 -11.92
C LEU A 161 16.70 1.78 -11.45
N GLU A 162 17.37 2.40 -12.44
CA GLU A 162 18.51 3.26 -12.16
C GLU A 162 18.06 4.65 -11.82
N VAL A 163 18.70 5.22 -10.81
CA VAL A 163 18.47 6.61 -10.42
C VAL A 163 19.21 7.56 -11.38
N THR A 164 18.47 8.47 -12.01
CA THR A 164 19.03 9.34 -13.05
C THR A 164 19.18 10.79 -12.59
N ASP A 165 18.58 11.13 -11.46
CA ASP A 165 18.64 12.50 -10.96
C ASP A 165 18.36 12.52 -9.47
N THR A 166 19.27 13.11 -8.71
CA THR A 166 19.03 13.39 -7.29
C THR A 166 20.02 14.44 -6.77
N THR A 174 18.58 18.12 4.95
CA THR A 174 17.39 17.85 5.79
C THR A 174 17.76 17.69 7.27
N ALA A 175 16.99 18.37 8.12
CA ALA A 175 17.26 18.41 9.55
C ALA A 175 16.80 17.12 10.26
N THR A 176 15.54 16.73 10.07
CA THR A 176 14.93 15.69 10.89
C THR A 176 14.54 14.41 10.12
N GLY A 177 14.50 14.49 8.79
CA GLY A 177 14.00 13.39 7.96
C GLY A 177 15.15 12.68 7.26
N ALA A 178 14.87 11.53 6.65
CA ALA A 178 15.94 10.69 6.13
C ALA A 178 15.77 10.34 4.65
N THR A 179 15.09 11.20 3.90
CA THR A 179 14.95 10.99 2.46
C THR A 179 15.12 12.27 1.68
N LYS A 180 15.46 12.08 0.41
CA LYS A 180 15.56 13.14 -0.55
C LYS A 180 14.83 12.73 -1.84
N PRO A 181 14.37 13.71 -2.63
CA PRO A 181 13.75 13.38 -3.92
C PRO A 181 14.73 12.83 -4.94
N ALA A 182 14.26 11.91 -5.78
CA ALA A 182 15.05 11.41 -6.90
C ALA A 182 14.14 11.09 -8.07
N ILE A 183 14.74 10.94 -9.25
CA ILE A 183 14.03 10.56 -10.46
C ILE A 183 14.74 9.35 -10.99
N VAL A 184 13.97 8.36 -11.45
CA VAL A 184 14.55 7.15 -12.03
C VAL A 184 14.43 7.23 -13.54
N GLU A 185 14.99 6.22 -14.20
CA GLU A 185 15.19 6.20 -15.66
C GLU A 185 13.91 6.21 -16.50
N THR A 186 12.81 5.82 -15.90
CA THR A 186 11.51 5.93 -16.54
C THR A 186 10.89 7.33 -16.44
N GLY A 187 11.51 8.22 -15.65
CA GLY A 187 10.96 9.55 -15.41
C GLY A 187 10.18 9.67 -14.10
N ALA A 188 9.96 8.56 -13.41
CA ALA A 188 9.17 8.58 -12.17
C ALA A 188 9.92 9.21 -10.99
N SER A 189 9.21 9.99 -10.18
CA SER A 189 9.78 10.52 -8.95
C SER A 189 9.62 9.52 -7.78
N ILE A 190 10.61 9.54 -6.90
CA ILE A 190 10.64 8.59 -5.79
C ILE A 190 11.52 9.14 -4.69
N LYS A 191 11.11 8.95 -3.43
CA LYS A 191 11.93 9.35 -2.27
C LYS A 191 12.94 8.28 -1.93
N VAL A 192 14.20 8.68 -1.73
CA VAL A 192 15.26 7.76 -1.41
C VAL A 192 16.12 8.16 -0.19
N PRO A 193 16.80 7.18 0.42
CA PRO A 193 17.75 7.49 1.50
C PRO A 193 18.84 8.44 1.04
N LEU A 194 19.50 9.08 2.00
CA LEU A 194 20.39 10.19 1.67
C LEU A 194 21.69 9.73 0.98
N PHE A 195 22.03 8.44 1.15
CA PHE A 195 23.23 7.83 0.55
C PHE A 195 23.02 7.39 -0.90
N VAL A 196 21.78 7.43 -1.40
CA VAL A 196 21.53 6.98 -2.76
C VAL A 196 22.01 8.06 -3.73
N ASN A 197 22.73 7.63 -4.77
CA ASN A 197 23.30 8.53 -5.75
C ASN A 197 22.84 8.21 -7.16
N LYS A 198 22.90 9.22 -8.04
CA LYS A 198 22.73 8.99 -9.48
C LYS A 198 23.57 7.79 -9.89
N GLY A 199 22.97 6.86 -10.62
CA GLY A 199 23.68 5.67 -11.08
C GLY A 199 23.39 4.42 -10.27
N ASP A 200 22.99 4.59 -9.01
CA ASP A 200 22.52 3.48 -8.22
C ASP A 200 21.24 2.86 -8.84
N ILE A 201 21.14 1.54 -8.70
CA ILE A 201 19.96 0.78 -9.09
C ILE A 201 19.19 0.47 -7.82
N ILE A 202 17.89 0.75 -7.85
CA ILE A 202 17.05 0.56 -6.64
C ILE A 202 15.85 -0.32 -6.93
N ARG A 203 15.41 -1.07 -5.92
CA ARG A 203 14.20 -1.91 -6.02
C ARG A 203 12.99 -1.11 -5.56
N ILE A 204 11.91 -1.19 -6.34
CA ILE A 204 10.73 -0.40 -6.19
C ILE A 204 9.47 -1.31 -6.20
N ASP A 205 8.58 -1.03 -5.26
CA ASP A 205 7.21 -1.54 -5.25
C ASP A 205 6.41 -0.68 -6.21
N THR A 206 5.94 -1.29 -7.29
CA THR A 206 5.27 -0.53 -8.37
C THR A 206 3.85 -0.13 -8.02
N ARG A 207 3.23 -0.83 -7.08
CA ARG A 207 1.90 -0.44 -6.61
C ARG A 207 1.96 0.85 -5.78
N THR A 208 2.92 0.93 -4.89
CA THR A 208 3.04 2.09 -3.98
C THR A 208 3.99 3.15 -4.52
N GLY A 209 4.86 2.77 -5.46
CA GLY A 209 5.91 3.64 -5.95
C GLY A 209 7.02 3.88 -4.93
N GLU A 210 7.14 3.02 -3.92
CA GLU A 210 8.11 3.22 -2.84
C GLU A 210 9.39 2.42 -3.00
N TYR A 211 10.49 3.04 -2.58
CA TYR A 211 11.80 2.42 -2.52
C TYR A 211 11.83 1.34 -1.47
N GLU A 213 15.02 -1.08 -1.44
CA GLU A 213 16.46 -1.08 -1.12
C GLU A 213 17.27 -0.83 -2.38
N ARG A 214 18.59 -0.67 -2.25
CA ARG A 214 19.47 -0.61 -3.43
C ARG A 214 19.78 -2.01 -3.91
N VAL A 215 19.86 -2.15 -5.23
CA VAL A 215 20.45 -3.28 -5.96
C VAL A 215 19.48 -3.84 -7.00
N ILE B 32 11.75 8.60 29.95
CA ILE B 32 12.32 8.18 28.67
C ILE B 32 13.43 9.14 28.24
N SER B 33 14.52 8.58 27.69
CA SER B 33 15.66 9.37 27.20
C SER B 33 15.48 9.72 25.73
N ALA B 34 15.99 10.90 25.34
CA ALA B 34 15.97 11.30 23.94
C ALA B 34 16.77 10.29 23.07
N GLY B 35 17.79 9.66 23.66
CA GLY B 35 18.55 8.62 22.97
C GLY B 35 17.77 7.34 22.72
N ASP B 36 16.66 7.16 23.43
CA ASP B 36 15.76 6.01 23.19
C ASP B 36 14.46 6.37 22.46
N PHE B 37 14.41 7.54 21.83
CA PHE B 37 13.20 7.97 21.12
C PHE B 37 12.86 7.02 19.97
N LYS B 38 11.55 6.85 19.74
CA LYS B 38 11.04 6.26 18.52
C LYS B 38 9.92 7.14 18.02
N ASN B 39 9.71 7.16 16.70
CA ASN B 39 8.59 7.88 16.14
C ASN B 39 7.35 7.46 16.92
N GLY B 40 6.56 8.44 17.37
CA GLY B 40 5.31 8.16 18.05
C GLY B 40 5.35 8.16 19.57
N VAL B 41 6.54 8.14 20.19
CA VAL B 41 6.55 8.17 21.67
C VAL B 41 6.14 9.53 22.18
N THR B 42 5.64 9.55 23.41
CA THR B 42 5.11 10.77 23.99
C THR B 42 5.75 11.05 25.34
N PHE B 43 5.99 12.34 25.62
CA PHE B 43 6.61 12.75 26.89
C PHE B 43 6.15 14.13 27.34
N GLU B 44 6.43 14.43 28.61
CA GLU B 44 6.12 15.74 29.23
C GLU B 44 7.26 16.78 29.10
N LEU B 45 6.96 17.96 28.55
CA LEU B 45 7.95 19.08 28.47
C LEU B 45 7.31 20.49 28.43
N ASP B 46 7.79 21.41 29.28
CA ASP B 46 7.23 22.80 29.44
C ASP B 46 5.75 22.79 29.74
N GLY B 47 5.34 21.95 30.71
CA GLY B 47 3.91 21.71 30.99
C GLY B 47 3.15 21.21 29.77
N GLN B 48 3.85 20.49 28.89
CA GLN B 48 3.32 20.11 27.58
C GLN B 48 3.49 18.62 27.36
N ILE B 49 2.63 18.05 26.52
CA ILE B 49 2.76 16.65 26.05
C ILE B 49 3.08 16.73 24.57
N PHE B 50 4.22 16.16 24.18
CA PHE B 50 4.65 16.17 22.78
C PHE B 50 4.72 14.74 22.27
N GLN B 51 4.59 14.59 20.96
CA GLN B 51 4.84 13.31 20.29
C GLN B 51 5.97 13.46 19.26
N VAL B 52 6.85 12.48 19.21
CA VAL B 52 7.94 12.54 18.27
C VAL B 52 7.41 12.23 16.87
N ILE B 53 7.50 13.18 15.94
CA ILE B 53 7.09 12.92 14.55
C ILE B 53 8.27 12.30 13.80
N GLU B 54 9.42 12.98 13.84
CA GLU B 54 10.64 12.44 13.29
C GLU B 54 11.87 12.97 14.01
N PHE B 55 13.00 12.31 13.80
CA PHE B 55 14.25 12.76 14.43
C PHE B 55 15.48 12.18 13.74
N GLN B 56 16.60 12.87 13.96
CA GLN B 56 17.92 12.34 13.65
C GLN B 56 18.76 12.27 14.95
N HIS B 57 19.25 11.08 15.27
CA HIS B 57 20.24 10.93 16.33
C HIS B 57 21.63 11.03 15.69
N VAL B 58 22.28 12.18 15.90
CA VAL B 58 23.59 12.46 15.30
C VAL B 58 24.72 12.24 16.29
N LYS B 59 25.70 11.41 15.88
CA LYS B 59 26.92 11.17 16.61
C LYS B 59 28.07 11.75 15.77
N PRO B 60 28.39 13.05 15.99
CA PRO B 60 29.48 13.66 15.26
C PRO B 60 30.84 13.17 15.73
N GLY B 61 31.81 13.20 14.82
CA GLY B 61 33.18 12.79 15.10
C GLY B 61 33.89 13.67 16.12
N LYS B 62 33.50 14.94 16.18
CA LYS B 62 34.01 15.89 17.18
C LYS B 62 32.87 16.49 17.95
N GLY B 63 32.99 16.51 19.26
CA GLY B 63 31.94 17.13 20.08
C GLY B 63 30.77 16.22 20.38
N ALA B 64 29.74 16.79 20.97
CA ALA B 64 28.69 16.00 21.62
C ALA B 64 27.60 15.54 20.66
N ALA B 65 27.08 14.34 20.95
CA ALA B 65 25.94 13.80 20.25
C ALA B 65 24.69 14.60 20.63
N PHE B 66 23.72 14.57 19.73
CA PHE B 66 22.48 15.27 19.92
C PHE B 66 21.40 14.57 19.11
N VAL B 67 20.17 14.76 19.55
CA VAL B 67 19.00 14.18 18.92
C VAL B 67 18.11 15.35 18.44
N ARG B 68 18.06 15.53 17.13
CA ARG B 68 17.38 16.63 16.48
C ARG B 68 15.98 16.13 16.08
N THR B 69 14.93 16.78 16.61
CA THR B 69 13.56 16.23 16.51
C THR B 69 12.52 17.20 15.92
N LYS B 70 11.48 16.59 15.35
CA LYS B 70 10.25 17.27 14.98
C LYS B 70 9.21 16.68 15.90
N LEU B 71 8.51 17.55 16.62
CA LEU B 71 7.57 17.16 17.66
C LEU B 71 6.18 17.70 17.35
N LYS B 72 5.15 16.94 17.71
CA LYS B 72 3.77 17.40 17.65
C LYS B 72 3.26 17.64 19.06
N ASN B 73 2.84 18.88 19.32
CA ASN B 73 2.10 19.21 20.53
C ASN B 73 0.73 18.49 20.43
N ILE B 74 0.49 17.55 21.35
CA ILE B 74 -0.73 16.73 21.30
C ILE B 74 -1.96 17.56 21.65
N VAL B 75 -1.81 18.43 22.65
CA VAL B 75 -2.92 19.29 23.08
C VAL B 75 -3.28 20.30 21.97
N THR B 76 -2.37 21.20 21.62
CA THR B 76 -2.70 22.26 20.67
C THR B 76 -2.64 21.85 19.20
N GLY B 77 -1.89 20.78 18.89
CA GLY B 77 -1.72 20.33 17.51
C GLY B 77 -0.59 21.03 16.75
N ALA B 78 0.10 21.96 17.39
CA ALA B 78 1.25 22.66 16.78
C ALA B 78 2.51 21.75 16.58
N THR B 79 3.34 22.08 15.59
CA THR B 79 4.57 21.33 15.29
C THR B 79 5.78 22.20 15.60
N ILE B 80 6.75 21.67 16.34
CA ILE B 80 8.00 22.39 16.67
C ILE B 80 9.25 21.53 16.45
N GLU B 81 10.40 22.19 16.28
CA GLU B 81 11.71 21.53 16.28
C GLU B 81 12.44 21.76 17.60
N LYS B 82 13.02 20.69 18.14
CA LYS B 82 13.85 20.78 19.31
C LYS B 82 15.02 19.78 19.20
N THR B 83 16.15 20.15 19.79
CA THR B 83 17.34 19.31 19.87
C THR B 83 17.63 18.96 21.34
N PHE B 84 17.83 17.67 21.62
CA PHE B 84 18.11 17.15 22.98
C PHE B 84 19.50 16.54 23.06
N ASN B 85 20.07 16.52 24.27
CA ASN B 85 21.19 15.62 24.60
C ASN B 85 20.61 14.21 24.72
N PRO B 86 21.23 13.20 24.08
CA PRO B 86 20.69 11.83 24.15
C PRO B 86 20.40 11.27 25.55
N THR B 87 21.11 11.79 26.56
CA THR B 87 20.96 11.30 27.93
C THR B 87 19.85 12.01 28.69
N ASP B 88 19.40 13.18 28.19
CA ASP B 88 18.22 13.91 28.77
C ASP B 88 17.05 12.95 28.98
N LYS B 89 16.50 12.92 30.19
CA LYS B 89 15.34 12.08 30.51
C LYS B 89 14.11 12.96 30.69
N PRO B 91 9.59 12.70 31.57
CA PRO B 91 8.53 11.78 31.97
C PRO B 91 7.64 11.36 30.81
N LYS B 92 7.43 10.05 30.70
CA LYS B 92 6.46 9.47 29.78
C LYS B 92 5.08 10.06 30.09
N ALA B 93 4.32 10.39 29.04
CA ALA B 93 3.02 10.99 29.24
C ALA B 93 2.03 9.92 29.71
N HIS B 94 0.94 10.39 30.34
CA HIS B 94 -0.14 9.51 30.77
C HIS B 94 -1.18 9.46 29.66
N ILE B 95 -1.24 8.31 28.99
CA ILE B 95 -2.03 8.10 27.79
C ILE B 95 -3.09 7.02 28.10
N GLU B 96 -4.27 7.16 27.52
CA GLU B 96 -5.29 6.09 27.55
C GLU B 96 -5.13 5.23 26.30
N ARG B 97 -5.09 3.92 26.50
CA ARG B 97 -4.99 2.96 25.42
C ARG B 97 -6.23 2.08 25.40
N LYS B 98 -7.10 2.30 24.42
CA LYS B 98 -8.37 1.58 24.28
C LYS B 98 -8.30 0.56 23.17
N ASP B 99 -8.57 -0.71 23.50
CA ASP B 99 -8.74 -1.74 22.46
C ASP B 99 -9.96 -1.42 21.58
N GLN B 101 -11.67 -2.33 17.42
CA GLN B 101 -11.59 -3.19 16.25
C GLN B 101 -11.30 -2.37 15.02
N TYR B 102 -10.13 -2.60 14.44
CA TYR B 102 -9.79 -2.00 13.18
C TYR B 102 -10.64 -2.63 12.11
N LEU B 103 -11.39 -1.81 11.39
CA LEU B 103 -12.26 -2.30 10.34
C LEU B 103 -11.56 -2.36 8.96
N TYR B 104 -11.33 -1.18 8.38
CA TYR B 104 -10.82 -1.04 7.02
C TYR B 104 -10.28 0.36 6.78
N ASN B 105 -9.59 0.49 5.65
CA ASN B 105 -9.03 1.74 5.16
C ASN B 105 -9.62 1.97 3.80
N ASP B 106 -10.09 3.20 3.57
CA ASP B 106 -10.59 3.64 2.29
C ASP B 106 -9.92 4.95 1.97
N GLY B 107 -8.88 4.87 1.12
CA GLY B 107 -8.03 6.01 0.84
C GLY B 107 -7.22 6.53 2.03
N ASP B 108 -7.57 7.72 2.52
CA ASP B 108 -6.77 8.39 3.54
C ASP B 108 -7.33 8.18 4.97
N LEU B 109 -8.50 7.53 5.07
CA LEU B 109 -9.19 7.31 6.35
C LEU B 109 -9.20 5.83 6.75
N TYR B 110 -9.10 5.60 8.07
CA TYR B 110 -9.05 4.28 8.68
C TYR B 110 -10.19 4.26 9.69
N TYR B 111 -11.02 3.21 9.64
CA TYR B 111 -12.25 3.12 10.47
C TYR B 111 -12.07 2.05 11.53
N PHE B 112 -12.51 2.37 12.74
CA PHE B 112 -12.42 1.51 13.93
C PHE B 112 -13.80 1.45 14.61
N ASP B 114 -15.77 0.65 18.34
CA ASP B 114 -15.76 0.41 19.78
C ASP B 114 -16.46 -0.92 20.04
N THR B 115 -15.79 -1.84 20.74
CA THR B 115 -16.30 -3.21 20.89
C THR B 115 -17.41 -3.33 21.96
N GLU B 116 -17.63 -2.25 22.74
CA GLU B 116 -18.69 -2.19 23.78
C GLU B 116 -19.88 -1.29 23.41
N THR B 117 -19.63 -0.19 22.70
CA THR B 117 -20.71 0.74 22.30
C THR B 117 -21.07 0.63 20.82
N PHE B 118 -20.21 -0.03 20.04
CA PHE B 118 -20.42 -0.24 18.61
C PHE B 118 -20.45 1.05 17.81
N GLU B 119 -19.98 2.13 18.41
CA GLU B 119 -19.77 3.40 17.68
C GLU B 119 -18.52 3.27 16.83
N GLN B 120 -18.55 3.87 15.65
CA GLN B 120 -17.43 3.82 14.74
C GLN B 120 -16.69 5.15 14.73
N LEU B 121 -15.39 5.08 14.51
CA LEU B 121 -14.52 6.22 14.57
C LEU B 121 -13.60 6.23 13.35
N PRO B 122 -13.68 7.27 12.51
CA PRO B 122 -12.66 7.45 11.46
C PRO B 122 -11.43 8.21 11.94
N LEU B 123 -10.25 7.73 11.56
CA LEU B 123 -9.00 8.42 11.81
C LEU B 123 -8.26 8.66 10.48
N GLY B 124 -7.65 9.85 10.36
CA GLY B 124 -6.86 10.19 9.17
C GLY B 124 -5.46 9.60 9.17
N LYS B 125 -4.90 9.48 7.97
CA LYS B 125 -3.55 8.92 7.74
C LYS B 125 -2.46 9.47 8.68
N ASP B 126 -2.52 10.77 8.97
CA ASP B 126 -1.54 11.44 9.83
C ASP B 126 -1.42 10.79 11.20
N LYS B 127 -2.54 10.27 11.72
CA LYS B 127 -2.54 9.59 13.02
C LYS B 127 -2.12 8.12 12.92
N ILE B 128 -2.10 7.59 11.71
CA ILE B 128 -1.87 6.14 11.49
C ILE B 128 -0.45 5.86 11.01
N GLY B 129 0.01 6.62 10.02
CA GLY B 129 1.35 6.40 9.45
C GLY B 129 1.36 5.03 8.81
N ASP B 130 2.41 4.27 9.04
CA ASP B 130 2.55 2.93 8.47
C ASP B 130 2.16 1.81 9.50
N ALA B 131 1.55 2.21 10.62
CA ALA B 131 1.21 1.32 11.74
C ALA B 131 0.32 0.14 11.37
N LEU B 132 -0.53 0.32 10.36
CA LEU B 132 -1.47 -0.74 9.94
C LEU B 132 -1.09 -1.45 8.61
N LYS B 133 0.10 -1.19 8.11
CA LYS B 133 0.60 -1.83 6.89
C LYS B 133 0.43 -3.34 6.88
N PHE B 134 0.72 -3.97 8.01
CA PHE B 134 0.76 -5.42 8.17
C PHE B 134 -0.35 -5.94 9.11
N VAL B 135 -1.34 -5.12 9.36
CA VAL B 135 -2.48 -5.47 10.25
C VAL B 135 -3.72 -5.77 9.40
N LYS B 136 -4.23 -6.97 9.54
CA LYS B 136 -5.44 -7.39 8.84
C LYS B 136 -6.70 -6.66 9.29
N GLU B 137 -7.62 -6.55 8.35
CA GLU B 137 -8.97 -6.08 8.66
C GLU B 137 -9.54 -6.90 9.82
N ASN B 138 -10.22 -6.21 10.73
CA ASN B 138 -10.88 -6.79 11.94
C ASN B 138 -9.97 -7.18 13.12
N GLU B 139 -8.70 -6.82 13.05
CA GLU B 139 -7.78 -7.05 14.15
C GLU B 139 -8.01 -6.00 15.22
N ILE B 140 -7.79 -6.39 16.48
CA ILE B 140 -7.88 -5.47 17.59
C ILE B 140 -6.57 -4.68 17.70
N VAL B 141 -6.70 -3.36 17.71
CA VAL B 141 -5.57 -2.47 17.91
C VAL B 141 -5.88 -1.52 19.08
N LYS B 142 -4.83 -0.93 19.66
CA LYS B 142 -5.01 0.08 20.73
C LYS B 142 -5.04 1.46 20.12
N VAL B 143 -6.07 2.24 20.50
CA VAL B 143 -6.23 3.60 20.05
C VAL B 143 -5.80 4.44 21.26
N LEU B 144 -4.83 5.31 21.01
CA LEU B 144 -4.15 6.10 22.05
C LEU B 144 -4.77 7.50 22.16
N SER B 145 -5.15 7.86 23.37
CA SER B 145 -5.67 9.20 23.62
C SER B 145 -5.05 9.80 24.88
N HIS B 146 -5.00 11.13 24.89
CA HIS B 146 -4.44 11.83 26.05
C HIS B 146 -5.52 12.38 27.00
N LYS B 147 -6.18 13.45 26.63
CA LYS B 147 -7.23 13.93 27.52
C LYS B 147 -8.49 13.87 26.70
N GLY B 148 -8.85 12.63 26.41
CA GLY B 148 -9.97 12.33 25.51
C GLY B 148 -9.66 12.65 24.07
N ASN B 149 -8.43 13.09 23.80
CA ASN B 149 -8.01 13.51 22.48
C ASN B 149 -7.16 12.39 21.82
N VAL B 150 -7.74 11.78 20.78
CA VAL B 150 -7.13 10.63 20.10
C VAL B 150 -6.05 11.12 19.13
N PHE B 151 -4.82 10.62 19.27
CA PHE B 151 -3.69 11.08 18.44
C PHE B 151 -2.96 10.00 17.63
N GLY B 152 -3.27 8.73 17.86
CA GLY B 152 -2.53 7.65 17.22
C GLY B 152 -3.00 6.28 17.66
N ILE B 153 -2.30 5.26 17.21
CA ILE B 153 -2.66 3.89 17.49
C ILE B 153 -1.41 3.09 17.88
N GLU B 154 -1.63 1.94 18.50
CA GLU B 154 -0.59 0.99 18.77
C GLU B 154 -1.04 -0.40 18.29
N PRO B 155 -0.51 -0.86 17.13
CA PRO B 155 -0.82 -2.22 16.70
C PRO B 155 -0.17 -3.30 17.58
N PRO B 156 -0.57 -4.57 17.38
CA PRO B 156 0.18 -5.59 18.06
C PRO B 156 1.65 -5.50 17.63
N ASN B 157 2.57 -5.84 18.53
CA ASN B 157 3.99 -5.86 18.17
C ASN B 157 4.30 -6.84 17.04
N PHE B 158 3.62 -7.99 17.02
CA PHE B 158 3.86 -9.01 15.99
C PHE B 158 2.56 -9.45 15.35
N VAL B 159 2.66 -9.83 14.09
CA VAL B 159 1.54 -10.36 13.32
C VAL B 159 2.02 -11.54 12.52
N GLU B 160 1.08 -12.35 12.07
CA GLU B 160 1.37 -13.50 11.22
C GLU B 160 0.51 -13.36 9.96
N LEU B 161 1.17 -13.31 8.81
CA LEU B 161 0.50 -13.07 7.53
C LEU B 161 0.96 -14.05 6.48
N GLU B 162 0.06 -14.41 5.57
CA GLU B 162 0.39 -15.26 4.45
C GLU B 162 1.03 -14.43 3.34
N VAL B 163 2.06 -14.99 2.74
CA VAL B 163 2.71 -14.48 1.54
C VAL B 163 1.84 -14.87 0.36
N THR B 164 1.34 -13.85 -0.33
CA THR B 164 0.42 -14.02 -1.47
C THR B 164 1.11 -13.92 -2.88
N ASP B 165 2.30 -13.32 -2.97
CA ASP B 165 3.07 -13.38 -4.21
C ASP B 165 4.56 -13.09 -3.99
N THR B 166 5.38 -13.90 -4.61
CA THR B 166 6.81 -13.70 -4.59
C THR B 166 7.37 -14.66 -5.62
N GLU B 167 8.53 -14.31 -6.14
CA GLU B 167 9.28 -15.18 -7.01
C GLU B 167 9.72 -16.45 -6.24
N PRO B 168 9.27 -17.62 -6.68
CA PRO B 168 9.69 -18.86 -5.99
C PRO B 168 11.20 -19.05 -5.85
N GLY B 169 11.63 -19.55 -4.69
CA GLY B 169 13.04 -19.69 -4.42
C GLY B 169 13.37 -20.76 -3.40
N PHE B 170 14.67 -20.98 -3.21
CA PHE B 170 15.10 -22.05 -2.29
C PHE B 170 16.43 -21.72 -1.61
N ALA B 178 20.58 -13.04 1.96
CA ALA B 178 19.95 -12.76 0.66
C ALA B 178 18.44 -12.71 0.80
N THR B 179 17.82 -11.67 0.25
CA THR B 179 16.37 -11.51 0.34
C THR B 179 15.74 -11.26 -1.03
N LYS B 180 14.43 -11.42 -1.07
CA LYS B 180 13.65 -11.05 -2.26
C LYS B 180 12.41 -10.32 -1.79
N PRO B 181 11.82 -9.48 -2.68
CA PRO B 181 10.54 -8.85 -2.35
C PRO B 181 9.34 -9.80 -2.41
N ALA B 182 8.37 -9.56 -1.54
CA ALA B 182 7.15 -10.35 -1.47
C ALA B 182 5.99 -9.44 -1.17
N ILE B 183 4.80 -9.84 -1.64
CA ILE B 183 3.51 -9.24 -1.21
C ILE B 183 2.85 -10.18 -0.15
N VAL B 184 2.31 -9.59 0.88
CA VAL B 184 1.58 -10.35 1.90
C VAL B 184 0.10 -10.02 1.78
N GLU B 185 -0.72 -10.71 2.58
CA GLU B 185 -2.17 -10.72 2.33
C GLU B 185 -2.85 -9.35 2.50
N THR B 186 -2.23 -8.46 3.29
CA THR B 186 -2.73 -7.11 3.44
C THR B 186 -2.47 -6.27 2.19
N GLY B 187 -1.71 -6.79 1.22
CA GLY B 187 -1.33 -6.02 0.05
C GLY B 187 0.06 -5.35 0.15
N ALA B 188 0.61 -5.31 1.38
CA ALA B 188 1.86 -4.64 1.61
C ALA B 188 3.02 -5.50 1.09
N SER B 189 4.13 -4.85 0.78
CA SER B 189 5.37 -5.51 0.37
C SER B 189 6.35 -5.60 1.54
N ILE B 190 7.24 -6.58 1.44
CA ILE B 190 8.19 -6.87 2.50
C ILE B 190 9.36 -7.71 1.93
N LYS B 191 10.57 -7.52 2.44
CA LYS B 191 11.71 -8.36 2.09
C LYS B 191 11.72 -9.67 2.89
N VAL B 192 11.86 -10.79 2.20
CA VAL B 192 11.91 -12.10 2.83
C VAL B 192 13.11 -12.93 2.34
N PRO B 193 13.54 -13.94 3.13
CA PRO B 193 14.56 -14.86 2.61
C PRO B 193 14.08 -15.61 1.36
N LEU B 194 15.03 -16.11 0.57
CA LEU B 194 14.69 -16.69 -0.72
C LEU B 194 13.81 -17.94 -0.64
N PHE B 195 13.80 -18.59 0.51
CA PHE B 195 13.11 -19.86 0.71
C PHE B 195 11.68 -19.69 1.21
N VAL B 196 11.28 -18.46 1.47
CA VAL B 196 9.89 -18.15 1.76
C VAL B 196 9.15 -17.94 0.44
N ASN B 197 8.13 -18.74 0.22
CA ASN B 197 7.37 -18.71 -1.01
C ASN B 197 5.90 -18.47 -0.79
N LYS B 198 5.18 -18.17 -1.87
CA LYS B 198 3.73 -17.97 -1.86
C LYS B 198 3.03 -19.14 -1.17
N GLY B 199 2.06 -18.81 -0.30
CA GLY B 199 1.43 -19.80 0.57
C GLY B 199 1.98 -19.90 1.99
N ASP B 200 3.22 -19.48 2.20
CA ASP B 200 3.86 -19.56 3.54
C ASP B 200 3.32 -18.48 4.49
N ILE B 201 3.28 -18.79 5.78
CA ILE B 201 2.87 -17.79 6.80
C ILE B 201 4.13 -17.30 7.48
N ILE B 202 4.24 -15.99 7.62
CA ILE B 202 5.40 -15.42 8.23
C ILE B 202 5.04 -14.48 9.38
N ARG B 203 5.97 -14.39 10.32
CA ARG B 203 5.83 -13.49 11.44
C ARG B 203 6.59 -12.23 11.12
N ILE B 204 5.94 -11.10 11.40
CA ILE B 204 6.42 -9.78 11.09
C ILE B 204 6.36 -8.88 12.32
N ASP B 205 7.41 -8.07 12.50
CA ASP B 205 7.43 -6.98 13.51
C ASP B 205 6.78 -5.73 12.96
N THR B 206 5.69 -5.28 13.57
CA THR B 206 4.97 -4.11 13.05
C THR B 206 5.69 -2.79 13.26
N ARG B 207 6.59 -2.75 14.22
CA ARG B 207 7.33 -1.53 14.53
C ARG B 207 8.39 -1.24 13.47
N THR B 208 9.16 -2.25 13.11
CA THR B 208 10.18 -2.16 12.06
C THR B 208 9.68 -2.49 10.65
N GLY B 209 8.63 -3.29 10.56
CA GLY B 209 8.13 -3.72 9.27
C GLY B 209 8.93 -4.90 8.72
N GLU B 210 9.64 -5.62 9.58
CA GLU B 210 10.56 -6.69 9.17
C GLU B 210 10.14 -8.12 9.47
N TYR B 211 10.56 -9.00 8.54
CA TYR B 211 10.39 -10.43 8.67
C TYR B 211 11.11 -10.94 9.91
N GLU B 213 10.43 -14.61 11.17
CA GLU B 213 10.57 -16.02 10.86
C GLU B 213 9.31 -16.55 10.18
N ARG B 214 9.40 -17.76 9.68
CA ARG B 214 8.25 -18.49 9.19
C ARG B 214 7.43 -19.12 10.31
N VAL B 215 6.11 -19.11 10.11
CA VAL B 215 5.10 -19.97 10.77
C VAL B 215 4.12 -19.15 11.62
#